data_2LKS
#
_entry.id   2LKS
#
_entity_poly.entity_id   1
_entity_poly.type   'polypeptide(L)'
_entity_poly.pdbx_seq_one_letter_code
;GNTKEEAKQAFKELLKEKRVPSNASWEQAMKMIINDPRYSALAKLSEKKQ
;
_entity_poly.pdbx_strand_id   A
#
# COMPACT_ATOMS: atom_id res chain seq x y z
N THR A 3 -5.81 -17.47 -1.29
CA THR A 3 -5.05 -17.14 -0.10
C THR A 3 -4.34 -15.80 -0.27
N LYS A 4 -3.04 -15.87 -0.58
CA LYS A 4 -2.26 -14.65 -0.78
C LYS A 4 -2.93 -13.73 -1.80
N GLU A 5 -3.96 -14.25 -2.46
CA GLU A 5 -4.68 -13.46 -3.45
C GLU A 5 -5.39 -12.28 -2.80
N GLU A 6 -5.90 -12.48 -1.60
CA GLU A 6 -6.61 -11.43 -0.88
C GLU A 6 -5.65 -10.29 -0.55
N ALA A 7 -4.42 -10.64 -0.16
CA ALA A 7 -3.43 -9.64 0.19
C ALA A 7 -3.08 -8.78 -1.02
N LYS A 8 -3.01 -9.41 -2.19
CA LYS A 8 -2.69 -8.69 -3.41
C LYS A 8 -3.79 -7.67 -3.74
N GLN A 9 -5.03 -8.07 -3.53
CA GLN A 9 -6.17 -7.19 -3.81
C GLN A 9 -6.11 -5.95 -2.91
N ALA A 10 -5.71 -6.15 -1.67
CA ALA A 10 -5.62 -5.05 -0.72
C ALA A 10 -4.62 -4.00 -1.21
N PHE A 11 -3.51 -4.46 -1.77
CA PHE A 11 -2.49 -3.55 -2.28
C PHE A 11 -3.07 -2.67 -3.40
N LYS A 12 -3.78 -3.29 -4.34
CA LYS A 12 -4.37 -2.56 -5.44
C LYS A 12 -5.42 -1.57 -4.93
N GLU A 13 -6.24 -2.02 -3.99
CA GLU A 13 -7.28 -1.16 -3.43
C GLU A 13 -6.66 -0.01 -2.63
N LEU A 14 -5.56 -0.30 -1.95
CA LEU A 14 -4.88 0.71 -1.16
C LEU A 14 -4.39 1.85 -2.05
N LEU A 15 -3.81 1.49 -3.19
CA LEU A 15 -3.30 2.50 -4.12
C LEU A 15 -4.43 3.36 -4.65
N LYS A 16 -5.55 2.72 -4.97
CA LYS A 16 -6.72 3.44 -5.49
C LYS A 16 -7.27 4.40 -4.44
N GLU A 17 -7.30 3.94 -3.19
CA GLU A 17 -7.82 4.75 -2.10
C GLU A 17 -6.95 5.98 -1.90
N LYS A 18 -5.64 5.80 -2.02
CA LYS A 18 -4.71 6.90 -1.84
C LYS A 18 -4.36 7.54 -3.19
N ARG A 19 -4.11 8.85 -3.17
CA ARG A 19 -3.78 9.56 -4.40
C ARG A 19 -2.33 9.28 -4.80
N VAL A 20 -2.10 9.22 -6.11
CA VAL A 20 -0.75 8.96 -6.62
C VAL A 20 -0.43 9.89 -7.78
N PRO A 21 -0.22 11.14 -7.49
CA PRO A 21 0.10 12.17 -8.53
C PRO A 21 1.20 11.71 -9.48
N SER A 22 1.03 12.01 -10.76
CA SER A 22 1.99 11.61 -11.78
C SER A 22 3.36 12.25 -11.49
N ASN A 23 3.33 13.44 -10.91
CA ASN A 23 4.57 14.14 -10.60
C ASN A 23 5.40 13.34 -9.60
N ALA A 24 4.72 12.74 -8.63
CA ALA A 24 5.42 11.94 -7.62
C ALA A 24 6.21 10.81 -8.26
N SER A 25 6.38 9.71 -7.55
CA SER A 25 7.11 8.57 -8.07
C SER A 25 6.71 7.29 -7.32
N TRP A 26 7.00 6.16 -7.93
CA TRP A 26 6.67 4.87 -7.31
C TRP A 26 7.35 4.75 -5.95
N GLU A 27 8.59 5.19 -5.87
CA GLU A 27 9.33 5.13 -4.61
C GLU A 27 8.61 5.92 -3.53
N GLN A 28 8.16 7.12 -3.87
CA GLN A 28 7.45 7.96 -2.91
C GLN A 28 6.10 7.35 -2.55
N ALA A 29 5.41 6.80 -3.55
CA ALA A 29 4.11 6.18 -3.33
C ALA A 29 4.23 4.99 -2.38
N MET A 30 5.32 4.24 -2.53
CA MET A 30 5.55 3.08 -1.68
C MET A 30 5.76 3.51 -0.23
N LYS A 31 6.48 4.61 -0.04
CA LYS A 31 6.75 5.13 1.30
C LYS A 31 5.46 5.62 1.96
N MET A 32 4.53 6.11 1.14
CA MET A 32 3.28 6.64 1.66
C MET A 32 2.47 5.54 2.36
N ILE A 33 2.40 4.38 1.73
CA ILE A 33 1.66 3.25 2.30
C ILE A 33 2.41 2.65 3.49
N ILE A 34 3.74 2.74 3.44
CA ILE A 34 4.56 2.21 4.52
C ILE A 34 4.31 2.96 5.82
N ASN A 35 4.21 4.28 5.72
CA ASN A 35 3.97 5.11 6.90
C ASN A 35 2.66 4.73 7.56
N ASP A 36 1.64 4.48 6.73
CA ASP A 36 0.33 4.11 7.23
C ASP A 36 0.45 2.98 8.28
N PRO A 37 -0.12 3.15 9.45
CA PRO A 37 -0.07 2.12 10.52
C PRO A 37 -0.44 0.73 10.00
N ARG A 38 -1.28 0.68 8.97
CA ARG A 38 -1.69 -0.58 8.40
C ARG A 38 -0.48 -1.37 7.91
N TYR A 39 0.56 -0.65 7.50
CA TYR A 39 1.78 -1.29 7.02
C TYR A 39 2.37 -2.21 8.08
N SER A 40 2.43 -1.72 9.31
CA SER A 40 2.97 -2.51 10.41
C SER A 40 2.15 -3.79 10.61
N ALA A 41 0.84 -3.67 10.51
CA ALA A 41 -0.04 -4.82 10.68
C ALA A 41 0.17 -5.82 9.54
N LEU A 42 0.40 -5.31 8.34
CA LEU A 42 0.63 -6.16 7.18
C LEU A 42 1.88 -7.01 7.37
N ALA A 43 2.93 -6.38 7.90
CA ALA A 43 4.19 -7.10 8.13
C ALA A 43 4.01 -8.19 9.17
N LYS A 44 3.26 -7.88 10.22
CA LYS A 44 3.01 -8.86 11.29
C LYS A 44 2.21 -10.04 10.74
N LEU A 45 1.19 -9.74 9.95
CA LEU A 45 0.34 -10.78 9.38
C LEU A 45 0.07 -11.88 10.40
N SER A 46 0.18 -11.52 11.69
CA SER A 46 -0.05 -12.49 12.76
C SER A 46 -0.11 -11.78 14.10
N THR A 3 -0.15 -18.56 -2.21
CA THR A 3 -1.36 -17.74 -2.27
C THR A 3 -1.02 -16.27 -2.40
N LYS A 4 -0.99 -15.57 -1.27
CA LYS A 4 -0.67 -14.15 -1.27
C LYS A 4 -1.54 -13.39 -2.27
N GLU A 5 -2.54 -14.08 -2.81
CA GLU A 5 -3.43 -13.48 -3.78
C GLU A 5 -4.27 -12.38 -3.13
N GLU A 6 -4.68 -12.61 -1.88
CA GLU A 6 -5.47 -11.63 -1.17
C GLU A 6 -4.65 -10.36 -0.90
N ALA A 7 -3.38 -10.55 -0.57
CA ALA A 7 -2.51 -9.41 -0.29
C ALA A 7 -2.33 -8.55 -1.53
N LYS A 8 -2.24 -9.21 -2.70
CA LYS A 8 -2.07 -8.50 -3.95
C LYS A 8 -3.28 -7.61 -4.24
N GLN A 9 -4.47 -8.14 -3.98
CA GLN A 9 -5.70 -7.39 -4.21
C GLN A 9 -5.76 -6.17 -3.31
N ALA A 10 -5.30 -6.34 -2.07
CA ALA A 10 -5.32 -5.24 -1.11
C ALA A 10 -4.44 -4.09 -1.59
N PHE A 11 -3.30 -4.43 -2.20
CA PHE A 11 -2.39 -3.42 -2.71
C PHE A 11 -3.07 -2.57 -3.78
N LYS A 12 -3.75 -3.24 -4.71
CA LYS A 12 -4.44 -2.53 -5.79
C LYS A 12 -5.54 -1.64 -5.21
N GLU A 13 -6.32 -2.20 -4.30
CA GLU A 13 -7.41 -1.45 -3.68
C GLU A 13 -6.86 -0.31 -2.83
N LEU A 14 -5.72 -0.55 -2.19
CA LEU A 14 -5.11 0.46 -1.35
C LEU A 14 -4.74 1.70 -2.17
N LEU A 15 -4.21 1.47 -3.36
CA LEU A 15 -3.81 2.57 -4.23
C LEU A 15 -5.03 3.41 -4.61
N LYS A 16 -6.13 2.74 -4.90
CA LYS A 16 -7.36 3.44 -5.28
C LYS A 16 -7.85 4.32 -4.14
N GLU A 17 -7.77 3.80 -2.92
CA GLU A 17 -8.22 4.55 -1.75
C GLU A 17 -7.33 5.77 -1.53
N LYS A 18 -6.04 5.61 -1.78
CA LYS A 18 -5.11 6.72 -1.61
C LYS A 18 -5.00 7.54 -2.90
N ARG A 19 -4.78 8.84 -2.74
CA ARG A 19 -4.66 9.73 -3.90
C ARG A 19 -3.45 9.34 -4.75
N VAL A 20 -2.35 9.02 -4.09
CA VAL A 20 -1.13 8.64 -4.79
C VAL A 20 -0.93 9.51 -6.03
N PRO A 21 -0.54 10.74 -5.83
CA PRO A 21 -0.32 11.71 -6.95
C PRO A 21 0.54 11.11 -8.06
N SER A 22 0.20 11.44 -9.30
CA SER A 22 0.93 10.92 -10.45
C SER A 22 2.38 11.41 -10.42
N ASN A 23 2.61 12.51 -9.71
CA ASN A 23 3.96 13.07 -9.61
C ASN A 23 4.89 12.08 -8.92
N ALA A 24 4.40 11.44 -7.87
CA ALA A 24 5.20 10.47 -7.13
C ALA A 24 5.39 9.19 -7.95
N SER A 25 6.57 8.59 -7.85
CA SER A 25 6.87 7.37 -8.58
C SER A 25 6.60 6.16 -7.69
N TRP A 26 7.04 5.01 -8.16
CA TRP A 26 6.85 3.76 -7.42
C TRP A 26 7.60 3.80 -6.09
N GLU A 27 8.82 4.30 -6.13
CA GLU A 27 9.63 4.40 -4.93
C GLU A 27 8.98 5.34 -3.92
N GLN A 28 8.49 6.48 -4.40
CA GLN A 28 7.84 7.45 -3.53
C GLN A 28 6.52 6.91 -3.02
N ALA A 29 5.77 6.25 -3.90
CA ALA A 29 4.48 5.69 -3.52
C ALA A 29 4.64 4.64 -2.42
N MET A 30 5.70 3.83 -2.54
CA MET A 30 5.97 2.79 -1.55
C MET A 30 6.25 3.40 -0.19
N LYS A 31 7.00 4.49 -0.18
CA LYS A 31 7.33 5.17 1.08
C LYS A 31 6.09 5.79 1.70
N MET A 32 5.19 6.30 0.86
CA MET A 32 3.98 6.94 1.36
C MET A 32 3.12 5.97 2.14
N ILE A 33 2.96 4.76 1.61
CA ILE A 33 2.15 3.75 2.28
C ILE A 33 2.87 3.19 3.49
N ILE A 34 4.20 3.22 3.45
CA ILE A 34 5.00 2.71 4.57
C ILE A 34 4.77 3.55 5.82
N ASN A 35 4.74 4.88 5.64
CA ASN A 35 4.54 5.78 6.77
C ASN A 35 3.19 5.51 7.41
N ASP A 36 2.17 5.27 6.58
CA ASP A 36 0.84 5.02 7.07
C ASP A 36 0.85 3.92 8.13
N PRO A 37 0.28 4.15 9.30
CA PRO A 37 0.24 3.14 10.39
C PRO A 37 -0.22 1.77 9.90
N ARG A 38 -1.06 1.77 8.86
CA ARG A 38 -1.56 0.52 8.30
C ARG A 38 -0.41 -0.37 7.84
N TYR A 39 0.74 0.25 7.56
CA TYR A 39 1.90 -0.49 7.10
C TYR A 39 2.31 -1.52 8.15
N SER A 40 2.37 -1.10 9.41
CA SER A 40 2.75 -2.00 10.49
C SER A 40 1.77 -3.16 10.59
N ALA A 41 0.48 -2.85 10.52
CA ALA A 41 -0.54 -3.88 10.60
C ALA A 41 -0.46 -4.81 9.40
N LEU A 42 -0.16 -4.25 8.24
CA LEU A 42 -0.05 -5.04 7.02
C LEU A 42 1.06 -6.07 7.15
N ALA A 43 2.19 -5.66 7.71
CA ALA A 43 3.32 -6.55 7.88
C ALA A 43 2.96 -7.73 8.79
N LYS A 44 2.13 -7.45 9.80
CA LYS A 44 1.71 -8.49 10.72
C LYS A 44 0.93 -9.58 10.00
N LEU A 45 0.08 -9.16 9.06
CA LEU A 45 -0.73 -10.10 8.30
C LEU A 45 -1.79 -10.73 9.19
N SER A 46 -1.36 -11.46 10.21
CA SER A 46 -2.30 -12.11 11.11
C SER A 46 -2.76 -11.13 12.18
N THR A 3 -6.08 -18.12 -0.03
CA THR A 3 -4.86 -17.73 -0.74
C THR A 3 -4.50 -16.28 -0.43
N LYS A 4 -3.22 -15.94 -0.61
CA LYS A 4 -2.76 -14.59 -0.35
C LYS A 4 -3.24 -13.64 -1.44
N GLU A 5 -4.23 -14.08 -2.21
CA GLU A 5 -4.78 -13.27 -3.29
C GLU A 5 -5.46 -12.03 -2.74
N GLU A 6 -6.14 -12.20 -1.60
CA GLU A 6 -6.84 -11.08 -0.97
C GLU A 6 -5.86 -10.02 -0.50
N ALA A 7 -4.73 -10.46 0.03
CA ALA A 7 -3.71 -9.53 0.51
C ALA A 7 -3.16 -8.69 -0.64
N LYS A 8 -2.97 -9.33 -1.79
CA LYS A 8 -2.44 -8.64 -2.96
C LYS A 8 -3.42 -7.56 -3.41
N GLN A 9 -4.71 -7.88 -3.40
CA GLN A 9 -5.74 -6.93 -3.81
C GLN A 9 -5.75 -5.72 -2.88
N ALA A 10 -5.42 -5.95 -1.61
CA ALA A 10 -5.41 -4.87 -0.64
C ALA A 10 -4.50 -3.73 -1.10
N PHE A 11 -3.30 -4.10 -1.55
CA PHE A 11 -2.33 -3.10 -2.01
C PHE A 11 -2.88 -2.36 -3.23
N LYS A 12 -3.45 -3.11 -4.17
CA LYS A 12 -4.01 -2.51 -5.38
C LYS A 12 -5.16 -1.59 -5.03
N GLU A 13 -6.05 -2.05 -4.16
CA GLU A 13 -7.19 -1.25 -3.75
C GLU A 13 -6.74 -0.03 -2.95
N LEU A 14 -5.68 -0.21 -2.17
CA LEU A 14 -5.17 0.89 -1.36
C LEU A 14 -4.71 2.04 -2.24
N LEU A 15 -4.04 1.70 -3.34
CA LEU A 15 -3.54 2.72 -4.25
C LEU A 15 -4.69 3.52 -4.85
N LYS A 16 -5.77 2.82 -5.20
CA LYS A 16 -6.93 3.46 -5.78
C LYS A 16 -7.55 4.45 -4.79
N GLU A 17 -7.61 4.05 -3.53
CA GLU A 17 -8.18 4.89 -2.49
C GLU A 17 -7.33 6.15 -2.31
N LYS A 18 -6.01 5.98 -2.36
CA LYS A 18 -5.10 7.10 -2.20
C LYS A 18 -5.00 7.91 -3.48
N ARG A 19 -4.75 9.21 -3.35
CA ARG A 19 -4.63 10.07 -4.52
C ARG A 19 -3.45 9.66 -5.38
N VAL A 20 -2.35 9.29 -4.74
CA VAL A 20 -1.15 8.88 -5.47
C VAL A 20 -0.87 9.85 -6.61
N PRO A 21 -0.35 11.01 -6.29
CA PRO A 21 -0.03 12.05 -7.31
C PRO A 21 0.78 11.49 -8.47
N SER A 22 0.57 12.04 -9.65
CA SER A 22 1.27 11.59 -10.84
C SER A 22 2.78 11.70 -10.65
N ASN A 23 3.20 12.73 -9.93
CA ASN A 23 4.63 12.94 -9.69
C ASN A 23 5.20 11.76 -8.90
N ALA A 24 4.45 11.28 -7.92
CA ALA A 24 4.89 10.15 -7.10
C ALA A 24 4.97 8.88 -7.94
N SER A 25 5.95 8.02 -7.65
CA SER A 25 6.13 6.78 -8.38
C SER A 25 6.20 5.61 -7.41
N TRP A 26 6.95 4.59 -7.78
CA TRP A 26 7.11 3.41 -6.96
C TRP A 26 7.78 3.74 -5.64
N GLU A 27 8.86 4.52 -5.72
CA GLU A 27 9.60 4.90 -4.52
C GLU A 27 8.71 5.75 -3.61
N GLN A 28 8.06 6.75 -4.18
CA GLN A 28 7.19 7.62 -3.39
C GLN A 28 5.94 6.85 -2.93
N ALA A 29 5.40 6.03 -3.82
CA ALA A 29 4.21 5.26 -3.49
C ALA A 29 4.52 4.26 -2.37
N MET A 30 5.71 3.69 -2.41
CA MET A 30 6.12 2.71 -1.41
C MET A 30 6.15 3.36 -0.03
N LYS A 31 6.68 4.58 0.02
CA LYS A 31 6.77 5.32 1.27
C LYS A 31 5.39 5.68 1.81
N MET A 32 4.47 5.99 0.90
CA MET A 32 3.12 6.37 1.28
C MET A 32 2.41 5.24 2.01
N ILE A 33 2.54 4.03 1.50
CA ILE A 33 1.91 2.87 2.12
C ILE A 33 2.63 2.48 3.40
N ILE A 34 3.93 2.70 3.44
CA ILE A 34 4.74 2.37 4.62
C ILE A 34 4.32 3.23 5.80
N ASN A 35 4.12 4.51 5.54
CA ASN A 35 3.72 5.44 6.60
C ASN A 35 2.40 5.00 7.21
N ASP A 36 1.49 4.57 6.35
CA ASP A 36 0.17 4.16 6.81
C ASP A 36 0.31 3.09 7.93
N PRO A 37 -0.32 3.29 9.06
CA PRO A 37 -0.27 2.31 10.19
C PRO A 37 -0.53 0.87 9.74
N ARG A 38 -1.32 0.73 8.68
CA ARG A 38 -1.64 -0.59 8.15
C ARG A 38 -0.37 -1.34 7.76
N TYR A 39 0.70 -0.59 7.48
CA TYR A 39 1.96 -1.19 7.09
C TYR A 39 2.46 -2.13 8.18
N SER A 40 2.39 -1.69 9.44
CA SER A 40 2.84 -2.50 10.56
C SER A 40 2.07 -3.81 10.60
N ALA A 41 0.76 -3.73 10.37
CA ALA A 41 -0.09 -4.93 10.38
C ALA A 41 0.31 -5.88 9.27
N LEU A 42 0.65 -5.32 8.11
CA LEU A 42 1.04 -6.12 6.96
C LEU A 42 2.32 -6.91 7.27
N ALA A 43 3.27 -6.25 7.92
CA ALA A 43 4.53 -6.89 8.26
C ALA A 43 4.29 -8.04 9.24
N LYS A 44 3.43 -7.79 10.23
CA LYS A 44 3.13 -8.81 11.23
C LYS A 44 2.44 -10.01 10.59
N LEU A 45 1.47 -9.72 9.71
CA LEU A 45 0.74 -10.78 9.03
C LEU A 45 0.45 -11.93 9.99
N SER A 46 0.42 -11.63 11.27
CA SER A 46 0.15 -12.65 12.29
C SER A 46 -0.24 -12.00 13.61
N THR A 3 -3.57 -18.76 -0.37
CA THR A 3 -4.11 -17.88 -1.40
C THR A 3 -3.83 -16.42 -1.04
N LYS A 4 -2.59 -15.98 -1.27
CA LYS A 4 -2.21 -14.61 -0.96
C LYS A 4 -2.77 -13.65 -2.01
N GLU A 5 -3.77 -14.12 -2.75
CA GLU A 5 -4.38 -13.30 -3.79
C GLU A 5 -5.11 -12.11 -3.18
N GLU A 6 -5.72 -12.34 -2.02
CA GLU A 6 -6.45 -11.28 -1.33
C GLU A 6 -5.51 -10.17 -0.88
N ALA A 7 -4.33 -10.57 -0.41
CA ALA A 7 -3.34 -9.60 0.04
C ALA A 7 -2.88 -8.71 -1.13
N LYS A 8 -2.74 -9.31 -2.29
CA LYS A 8 -2.31 -8.56 -3.48
C LYS A 8 -3.34 -7.51 -3.85
N GLN A 9 -4.62 -7.86 -3.73
CA GLN A 9 -5.69 -6.93 -4.06
C GLN A 9 -5.65 -5.72 -3.13
N ALA A 10 -5.18 -5.94 -1.90
CA ALA A 10 -5.10 -4.86 -0.93
C ALA A 10 -4.25 -3.72 -1.47
N PHE A 11 -3.09 -4.06 -2.02
CA PHE A 11 -2.18 -3.06 -2.58
C PHE A 11 -2.85 -2.31 -3.73
N LYS A 12 -3.50 -3.06 -4.61
CA LYS A 12 -4.18 -2.47 -5.76
C LYS A 12 -5.30 -1.55 -5.29
N GLU A 13 -6.04 -1.97 -4.28
CA GLU A 13 -7.14 -1.19 -3.75
C GLU A 13 -6.64 0.15 -3.21
N LEU A 14 -5.53 0.11 -2.48
CA LEU A 14 -4.96 1.32 -1.90
C LEU A 14 -4.52 2.27 -3.01
N LEU A 15 -3.91 1.73 -4.04
CA LEU A 15 -3.44 2.54 -5.16
C LEU A 15 -4.61 3.18 -5.89
N LYS A 16 -5.70 2.43 -6.01
CA LYS A 16 -6.88 2.94 -6.70
C LYS A 16 -7.40 4.19 -6.02
N GLU A 17 -7.46 4.15 -4.69
CA GLU A 17 -7.95 5.30 -3.92
C GLU A 17 -7.42 6.60 -4.52
N LYS A 18 -8.06 7.71 -4.16
CA LYS A 18 -7.64 9.01 -4.66
C LYS A 18 -6.23 9.34 -4.20
N ARG A 19 -5.91 8.99 -2.97
CA ARG A 19 -4.59 9.26 -2.41
C ARG A 19 -3.53 8.48 -3.19
N VAL A 20 -2.31 9.00 -3.20
CA VAL A 20 -1.21 8.35 -3.92
C VAL A 20 -1.44 8.43 -5.42
N PRO A 21 -1.38 9.61 -5.96
CA PRO A 21 -1.58 9.84 -7.42
C PRO A 21 -0.74 8.88 -8.28
N SER A 22 -1.36 8.35 -9.33
CA SER A 22 -0.66 7.42 -10.21
C SER A 22 0.41 8.14 -11.03
N ASN A 23 0.30 9.47 -11.08
CA ASN A 23 1.27 10.26 -11.82
C ASN A 23 2.39 10.76 -10.91
N ALA A 24 2.37 10.30 -9.67
CA ALA A 24 3.40 10.69 -8.70
C ALA A 24 4.68 9.88 -8.91
N SER A 25 4.96 8.99 -7.96
CA SER A 25 6.15 8.15 -8.05
C SER A 25 5.97 6.87 -7.24
N TRP A 26 6.26 5.75 -7.86
CA TRP A 26 6.13 4.46 -7.21
C TRP A 26 6.99 4.41 -5.94
N GLU A 27 8.18 5.00 -6.03
CA GLU A 27 9.09 5.01 -4.88
C GLU A 27 8.46 5.75 -3.70
N GLN A 28 7.90 6.92 -3.98
CA GLN A 28 7.27 7.71 -2.93
C GLN A 28 5.98 7.04 -2.45
N ALA A 29 5.23 6.49 -3.38
CA ALA A 29 3.97 5.83 -3.04
C ALA A 29 4.22 4.68 -2.06
N MET A 30 5.29 3.92 -2.31
CA MET A 30 5.62 2.80 -1.43
C MET A 30 5.96 3.29 -0.03
N LYS A 31 6.70 4.39 0.04
CA LYS A 31 7.09 4.96 1.32
C LYS A 31 5.88 5.50 2.07
N MET A 32 4.93 6.07 1.34
CA MET A 32 3.74 6.64 1.94
C MET A 32 2.92 5.58 2.68
N ILE A 33 2.74 4.44 2.04
CA ILE A 33 1.98 3.34 2.65
C ILE A 33 2.77 2.70 3.78
N ILE A 34 4.09 2.72 3.67
CA ILE A 34 4.95 2.14 4.70
C ILE A 34 4.81 2.90 6.02
N ASN A 35 4.76 4.23 5.92
CA ASN A 35 4.64 5.05 7.11
C ASN A 35 3.34 4.72 7.84
N ASP A 36 2.27 4.54 7.06
CA ASP A 36 0.96 4.24 7.65
C ASP A 36 1.10 3.13 8.70
N PRO A 37 0.94 3.45 9.97
CA PRO A 37 1.06 2.44 11.07
C PRO A 37 0.28 1.17 10.78
N ARG A 38 -0.85 1.31 10.11
CA ARG A 38 -1.69 0.16 9.78
C ARG A 38 -0.92 -0.82 8.89
N TYR A 39 -0.05 -0.29 8.04
CA TYR A 39 0.73 -1.12 7.13
C TYR A 39 1.60 -2.09 7.92
N SER A 40 2.21 -1.60 8.99
CA SER A 40 3.07 -2.44 9.82
C SER A 40 2.30 -3.64 10.35
N ALA A 41 1.06 -3.41 10.79
CA ALA A 41 0.23 -4.48 11.30
C ALA A 41 -0.12 -5.48 10.20
N LEU A 42 -0.31 -4.96 8.98
CA LEU A 42 -0.64 -5.81 7.84
C LEU A 42 0.49 -6.79 7.57
N ALA A 43 1.72 -6.31 7.63
CA ALA A 43 2.88 -7.15 7.39
C ALA A 43 2.97 -8.27 8.42
N LYS A 44 2.64 -7.94 9.67
CA LYS A 44 2.68 -8.92 10.75
C LYS A 44 1.68 -10.04 10.49
N LEU A 45 0.48 -9.66 10.03
CA LEU A 45 -0.55 -10.65 9.75
C LEU A 45 -0.59 -11.73 10.83
N SER A 46 -0.08 -11.38 12.01
CA SER A 46 -0.06 -12.32 13.12
C SER A 46 -0.30 -11.60 14.45
N THR A 3 -0.86 -18.47 -2.00
CA THR A 3 -2.19 -17.91 -1.81
C THR A 3 -2.10 -16.42 -1.50
N LYS A 4 -0.97 -15.82 -1.85
CA LYS A 4 -0.77 -14.40 -1.60
C LYS A 4 -1.59 -13.56 -2.57
N GLU A 5 -2.57 -14.20 -3.21
CA GLU A 5 -3.42 -13.51 -4.17
C GLU A 5 -4.27 -12.45 -3.47
N GLU A 6 -4.71 -12.76 -2.26
CA GLU A 6 -5.53 -11.84 -1.49
C GLU A 6 -4.73 -10.59 -1.12
N ALA A 7 -3.45 -10.79 -0.80
CA ALA A 7 -2.59 -9.67 -0.42
C ALA A 7 -2.40 -8.72 -1.60
N LYS A 8 -2.31 -9.29 -2.80
CA LYS A 8 -2.13 -8.47 -4.00
C LYS A 8 -3.35 -7.57 -4.22
N GLN A 9 -4.54 -8.11 -3.99
CA GLN A 9 -5.77 -7.35 -4.16
C GLN A 9 -5.81 -6.18 -3.20
N ALA A 10 -5.36 -6.41 -1.97
CA ALA A 10 -5.35 -5.35 -0.95
C ALA A 10 -4.42 -4.22 -1.38
N PHE A 11 -3.30 -4.57 -1.98
CA PHE A 11 -2.33 -3.58 -2.43
C PHE A 11 -2.97 -2.63 -3.44
N LYS A 12 -3.68 -3.20 -4.41
CA LYS A 12 -4.34 -2.40 -5.44
C LYS A 12 -5.41 -1.50 -4.82
N GLU A 13 -6.17 -2.06 -3.89
CA GLU A 13 -7.22 -1.29 -3.22
C GLU A 13 -6.62 -0.17 -2.39
N LEU A 14 -5.49 -0.44 -1.74
CA LEU A 14 -4.83 0.56 -0.92
C LEU A 14 -4.39 1.74 -1.76
N LEU A 15 -3.86 1.46 -2.94
CA LEU A 15 -3.40 2.51 -3.83
C LEU A 15 -4.57 3.40 -4.26
N LYS A 16 -5.70 2.77 -4.57
CA LYS A 16 -6.87 3.51 -4.98
C LYS A 16 -7.37 4.42 -3.86
N GLU A 17 -7.38 3.88 -2.64
CA GLU A 17 -7.84 4.65 -1.48
C GLU A 17 -6.88 5.81 -1.19
N LYS A 18 -5.59 5.56 -1.37
CA LYS A 18 -4.59 6.59 -1.12
C LYS A 18 -4.29 7.37 -2.41
N ARG A 19 -3.88 8.63 -2.25
CA ARG A 19 -3.58 9.47 -3.40
C ARG A 19 -2.27 9.03 -4.04
N VAL A 20 -2.20 9.11 -5.37
CA VAL A 20 -0.99 8.73 -6.10
C VAL A 20 -0.79 9.64 -7.30
N PRO A 21 -0.43 10.87 -7.06
CA PRO A 21 -0.21 11.87 -8.13
C PRO A 21 0.71 11.33 -9.24
N SER A 22 0.35 11.63 -10.48
CA SER A 22 1.13 11.16 -11.62
C SER A 22 2.55 11.72 -11.57
N ASN A 23 2.67 12.94 -11.04
CA ASN A 23 3.97 13.59 -10.94
C ASN A 23 4.90 12.78 -10.05
N ALA A 24 4.37 12.24 -8.96
CA ALA A 24 5.16 11.44 -8.03
C ALA A 24 5.81 10.26 -8.75
N SER A 25 6.09 9.19 -8.02
CA SER A 25 6.71 8.02 -8.60
C SER A 25 6.40 6.79 -7.75
N TRP A 26 6.63 5.62 -8.31
CA TRP A 26 6.39 4.37 -7.61
C TRP A 26 7.19 4.32 -6.31
N GLU A 27 8.42 4.82 -6.35
CA GLU A 27 9.27 4.83 -5.16
C GLU A 27 8.64 5.67 -4.07
N GLN A 28 8.14 6.85 -4.45
CA GLN A 28 7.50 7.74 -3.48
C GLN A 28 6.17 7.16 -3.01
N ALA A 29 5.43 6.55 -3.94
CA ALA A 29 4.14 5.95 -3.61
C ALA A 29 4.32 4.84 -2.57
N MET A 30 5.39 4.07 -2.72
CA MET A 30 5.66 2.98 -1.79
C MET A 30 5.94 3.52 -0.40
N LYS A 31 6.68 4.62 -0.34
CA LYS A 31 7.03 5.23 0.94
C LYS A 31 5.78 5.80 1.61
N MET A 32 4.82 6.25 0.81
CA MET A 32 3.60 6.84 1.34
C MET A 32 2.82 5.83 2.18
N ILE A 33 2.71 4.60 1.65
CA ILE A 33 1.99 3.56 2.36
C ILE A 33 2.81 3.04 3.55
N ILE A 34 4.13 3.17 3.44
CA ILE A 34 5.01 2.70 4.50
C ILE A 34 4.76 3.50 5.79
N ASN A 35 4.60 4.81 5.65
CA ASN A 35 4.35 5.66 6.81
C ASN A 35 3.04 5.26 7.47
N ASP A 36 2.03 5.00 6.64
CA ASP A 36 0.72 4.63 7.15
C ASP A 36 0.86 3.68 8.36
N PRO A 37 0.62 4.16 9.56
CA PRO A 37 0.74 3.32 10.79
C PRO A 37 0.03 1.97 10.65
N ARG A 38 -1.07 1.96 9.92
CA ARG A 38 -1.83 0.73 9.71
C ARG A 38 -1.02 -0.26 8.87
N TYR A 39 0.02 0.24 8.22
CA TYR A 39 0.87 -0.60 7.39
C TYR A 39 1.43 -1.76 8.21
N SER A 40 1.82 -1.47 9.44
CA SER A 40 2.37 -2.51 10.31
C SER A 40 1.39 -3.67 10.47
N ALA A 41 0.11 -3.37 10.31
CA ALA A 41 -0.92 -4.40 10.42
C ALA A 41 -0.75 -5.44 9.32
N LEU A 42 -0.33 -4.99 8.13
CA LEU A 42 -0.14 -5.89 7.01
C LEU A 42 0.94 -6.93 7.33
N ALA A 43 2.02 -6.48 7.94
CA ALA A 43 3.12 -7.37 8.29
C ALA A 43 2.65 -8.40 9.32
N LYS A 44 1.84 -7.95 10.27
CA LYS A 44 1.34 -8.85 11.30
C LYS A 44 0.47 -9.95 10.69
N LEU A 45 -0.37 -9.58 9.74
CA LEU A 45 -1.25 -10.54 9.08
C LEU A 45 -1.83 -11.52 10.09
N SER A 46 -1.85 -11.11 11.36
CA SER A 46 -2.38 -11.96 12.42
C SER A 46 -3.00 -11.11 13.53
N THR A 3 -1.97 -18.15 -5.40
CA THR A 3 -2.00 -18.09 -3.95
C THR A 3 -1.93 -16.64 -3.48
N LYS A 4 -2.18 -16.43 -2.18
CA LYS A 4 -2.15 -15.10 -1.62
C LYS A 4 -2.82 -14.10 -2.56
N GLU A 5 -3.87 -14.54 -3.23
CA GLU A 5 -4.59 -13.69 -4.17
C GLU A 5 -5.29 -12.55 -3.43
N GLU A 6 -5.82 -12.86 -2.25
CA GLU A 6 -6.51 -11.85 -1.45
C GLU A 6 -5.54 -10.76 -1.00
N ALA A 7 -4.36 -11.19 -0.56
CA ALA A 7 -3.36 -10.24 -0.10
C ALA A 7 -2.87 -9.36 -1.25
N LYS A 8 -2.75 -9.97 -2.43
CA LYS A 8 -2.30 -9.23 -3.61
C LYS A 8 -3.29 -8.13 -3.96
N GLN A 9 -4.57 -8.45 -3.90
CA GLN A 9 -5.62 -7.49 -4.22
C GLN A 9 -5.61 -6.34 -3.22
N ALA A 10 -5.14 -6.62 -2.00
CA ALA A 10 -5.09 -5.61 -0.96
C ALA A 10 -4.20 -4.44 -1.39
N PHE A 11 -3.10 -4.77 -2.06
CA PHE A 11 -2.17 -3.75 -2.53
C PHE A 11 -2.87 -2.78 -3.49
N LYS A 12 -3.61 -3.35 -4.44
CA LYS A 12 -4.33 -2.53 -5.42
C LYS A 12 -5.37 -1.67 -4.73
N GLU A 13 -6.07 -2.25 -3.75
CA GLU A 13 -7.11 -1.53 -3.03
C GLU A 13 -6.50 -0.37 -2.26
N LEU A 14 -5.31 -0.59 -1.71
CA LEU A 14 -4.64 0.45 -0.94
C LEU A 14 -4.35 1.66 -1.82
N LEU A 15 -3.88 1.41 -3.04
CA LEU A 15 -3.56 2.49 -3.95
C LEU A 15 -4.82 3.28 -4.30
N LYS A 16 -5.92 2.56 -4.53
CA LYS A 16 -7.18 3.21 -4.88
C LYS A 16 -7.66 4.09 -3.73
N GLU A 17 -7.49 3.62 -2.50
CA GLU A 17 -7.91 4.36 -1.33
C GLU A 17 -7.17 5.69 -1.25
N LYS A 18 -5.89 5.68 -1.61
CA LYS A 18 -5.07 6.88 -1.57
C LYS A 18 -5.00 7.52 -2.96
N ARG A 19 -4.94 8.85 -2.98
CA ARG A 19 -4.88 9.58 -4.25
C ARG A 19 -3.60 9.22 -5.00
N VAL A 20 -2.49 9.15 -4.28
CA VAL A 20 -1.22 8.82 -4.89
C VAL A 20 -0.99 9.66 -6.14
N PRO A 21 -0.68 10.92 -5.97
CA PRO A 21 -0.44 11.84 -7.11
C PRO A 21 0.52 11.26 -8.14
N SER A 22 0.23 11.53 -9.41
CA SER A 22 1.06 11.02 -10.49
C SER A 22 2.46 11.62 -10.43
N ASN A 23 2.59 12.74 -9.72
CA ASN A 23 3.87 13.40 -9.58
C ASN A 23 4.88 12.50 -8.86
N ALA A 24 4.40 11.81 -7.84
CA ALA A 24 5.25 10.91 -7.07
C ALA A 24 5.63 9.68 -7.90
N SER A 25 6.86 9.20 -7.74
CA SER A 25 7.32 8.04 -8.47
C SER A 25 7.04 6.76 -7.69
N TRP A 26 7.57 5.66 -8.17
CA TRP A 26 7.37 4.37 -7.53
C TRP A 26 8.02 4.36 -6.14
N GLU A 27 9.22 4.94 -6.06
CA GLU A 27 9.93 4.99 -4.79
C GLU A 27 9.15 5.81 -3.77
N GLN A 28 8.65 6.96 -4.20
CA GLN A 28 7.88 7.83 -3.31
C GLN A 28 6.55 7.18 -2.96
N ALA A 29 5.92 6.54 -3.94
CA ALA A 29 4.63 5.89 -3.73
C ALA A 29 4.75 4.78 -2.69
N MET A 30 5.86 4.04 -2.76
CA MET A 30 6.09 2.95 -1.82
C MET A 30 6.25 3.49 -0.40
N LYS A 31 6.95 4.60 -0.28
CA LYS A 31 7.18 5.22 1.03
C LYS A 31 5.87 5.75 1.60
N MET A 32 5.00 6.25 0.72
CA MET A 32 3.73 6.81 1.16
C MET A 32 2.88 5.76 1.87
N ILE A 33 2.81 4.57 1.29
CA ILE A 33 2.02 3.49 1.88
C ILE A 33 2.70 2.94 3.13
N ILE A 34 4.02 3.04 3.17
CA ILE A 34 4.78 2.56 4.31
C ILE A 34 4.43 3.34 5.57
N ASN A 35 4.30 4.65 5.43
CA ASN A 35 3.98 5.50 6.56
C ASN A 35 2.63 5.11 7.15
N ASP A 36 1.67 4.82 6.28
CA ASP A 36 0.35 4.43 6.70
C ASP A 36 0.43 3.35 7.81
N PRO A 37 0.12 3.70 9.03
CA PRO A 37 0.17 2.75 10.18
C PRO A 37 -0.48 1.41 9.86
N ARG A 38 -1.53 1.45 9.05
CA ARG A 38 -2.23 0.23 8.67
C ARG A 38 -1.30 -0.70 7.89
N TYR A 39 -0.39 -0.13 7.12
CA TYR A 39 0.53 -0.91 6.34
C TYR A 39 1.39 -1.81 7.23
N SER A 40 1.88 -1.23 8.32
CA SER A 40 2.72 -1.98 9.25
C SER A 40 1.96 -3.18 9.81
N ALA A 41 0.68 -2.96 10.13
CA ALA A 41 -0.15 -4.03 10.65
C ALA A 41 -0.36 -5.12 9.60
N LEU A 42 -0.47 -4.71 8.34
CA LEU A 42 -0.67 -5.66 7.25
C LEU A 42 0.51 -6.61 7.15
N ALA A 43 1.72 -6.08 7.27
CA ALA A 43 2.92 -6.89 7.19
C ALA A 43 2.97 -7.89 8.35
N LYS A 44 2.55 -7.43 9.53
CA LYS A 44 2.55 -8.30 10.70
C LYS A 44 1.60 -9.48 10.50
N LEU A 45 0.42 -9.19 9.96
CA LEU A 45 -0.56 -10.23 9.73
C LEU A 45 -0.64 -11.18 10.92
N SER A 46 -0.49 -10.64 12.11
CA SER A 46 -0.55 -11.45 13.33
C SER A 46 -1.21 -10.68 14.46
N THR A 3 -1.64 -17.95 -1.79
CA THR A 3 -2.78 -17.75 -0.91
C THR A 3 -2.95 -16.26 -0.58
N LYS A 4 -1.87 -15.51 -0.73
CA LYS A 4 -1.90 -14.08 -0.46
C LYS A 4 -2.63 -13.33 -1.58
N GLU A 5 -3.59 -14.00 -2.20
CA GLU A 5 -4.35 -13.39 -3.28
C GLU A 5 -5.21 -12.24 -2.76
N GLU A 6 -5.75 -12.41 -1.56
CA GLU A 6 -6.58 -11.38 -0.95
C GLU A 6 -5.75 -10.14 -0.65
N ALA A 7 -4.51 -10.34 -0.21
CA ALA A 7 -3.62 -9.23 0.12
C ALA A 7 -3.34 -8.41 -1.13
N LYS A 8 -3.16 -9.08 -2.26
CA LYS A 8 -2.88 -8.39 -3.52
C LYS A 8 -4.05 -7.48 -3.91
N GLN A 9 -5.27 -7.99 -3.73
CA GLN A 9 -6.45 -7.22 -4.08
C GLN A 9 -6.56 -5.98 -3.19
N ALA A 10 -6.24 -6.15 -1.91
CA ALA A 10 -6.31 -5.03 -0.97
C ALA A 10 -5.32 -3.95 -1.34
N PHE A 11 -4.14 -4.36 -1.81
CA PHE A 11 -3.11 -3.42 -2.20
C PHE A 11 -3.60 -2.52 -3.34
N LYS A 12 -4.23 -3.13 -4.33
CA LYS A 12 -4.77 -2.37 -5.46
C LYS A 12 -5.84 -1.39 -5.00
N GLU A 13 -6.66 -1.82 -4.04
CA GLU A 13 -7.72 -0.98 -3.53
C GLU A 13 -7.14 0.27 -2.86
N LEU A 14 -6.04 0.09 -2.14
CA LEU A 14 -5.40 1.21 -1.46
C LEU A 14 -4.91 2.25 -2.47
N LEU A 15 -4.33 1.77 -3.56
CA LEU A 15 -3.83 2.67 -4.60
C LEU A 15 -4.97 3.46 -5.23
N LYS A 16 -6.08 2.77 -5.48
CA LYS A 16 -7.25 3.43 -6.07
C LYS A 16 -7.78 4.52 -5.15
N GLU A 17 -7.85 4.21 -3.86
CA GLU A 17 -8.35 5.17 -2.89
C GLU A 17 -7.43 6.39 -2.81
N LYS A 18 -6.13 6.14 -2.86
CA LYS A 18 -5.15 7.22 -2.78
C LYS A 18 -4.94 7.84 -4.17
N ARG A 19 -4.82 9.16 -4.21
CA ARG A 19 -4.61 9.84 -5.48
C ARG A 19 -3.27 9.46 -6.09
N VAL A 20 -2.25 9.36 -5.25
CA VAL A 20 -0.91 8.99 -5.71
C VAL A 20 -0.60 9.69 -7.03
N PRO A 21 -0.40 10.98 -7.00
CA PRO A 21 -0.09 11.79 -8.21
C PRO A 21 1.02 11.15 -9.06
N SER A 22 0.86 11.23 -10.37
CA SER A 22 1.83 10.65 -11.29
C SER A 22 3.17 11.36 -11.16
N ASN A 23 3.15 12.57 -10.61
CA ASN A 23 4.36 13.35 -10.43
C ASN A 23 5.31 12.64 -9.48
N ALA A 24 4.75 12.07 -8.41
CA ALA A 24 5.55 11.37 -7.42
C ALA A 24 6.31 10.22 -8.07
N SER A 25 6.48 9.12 -7.33
CA SER A 25 7.19 7.96 -7.85
C SER A 25 6.81 6.71 -7.06
N TRP A 26 7.09 5.55 -7.64
CA TRP A 26 6.76 4.28 -6.98
C TRP A 26 7.47 4.20 -5.63
N GLU A 27 8.71 4.64 -5.59
CA GLU A 27 9.49 4.60 -4.34
C GLU A 27 8.84 5.50 -3.29
N GLN A 28 8.46 6.70 -3.69
CA GLN A 28 7.82 7.64 -2.78
C GLN A 28 6.46 7.12 -2.34
N ALA A 29 5.71 6.58 -3.28
CA ALA A 29 4.38 6.06 -2.98
C ALA A 29 4.47 4.89 -2.01
N MET A 30 5.51 4.08 -2.17
CA MET A 30 5.70 2.92 -1.29
C MET A 30 5.96 3.38 0.14
N LYS A 31 6.73 4.45 0.28
CA LYS A 31 7.05 4.99 1.59
C LYS A 31 5.82 5.58 2.26
N MET A 32 4.91 6.13 1.44
CA MET A 32 3.70 6.74 1.96
C MET A 32 2.84 5.73 2.70
N ILE A 33 2.68 4.55 2.10
CA ILE A 33 1.88 3.49 2.70
C ILE A 33 2.59 2.90 3.91
N ILE A 34 3.91 2.96 3.89
CA ILE A 34 4.71 2.41 4.99
C ILE A 34 4.43 3.17 6.28
N ASN A 35 4.34 4.49 6.18
CA ASN A 35 4.09 5.33 7.34
C ASN A 35 2.75 4.94 7.99
N ASP A 36 1.76 4.70 7.14
CA ASP A 36 0.43 4.32 7.63
C ASP A 36 0.56 3.24 8.72
N PRO A 37 0.29 3.58 9.95
CA PRO A 37 0.38 2.63 11.08
C PRO A 37 -0.32 1.30 10.77
N ARG A 38 -1.43 1.36 10.05
CA ARG A 38 -2.17 0.16 9.69
C ARG A 38 -1.31 -0.75 8.81
N TYR A 39 -0.47 -0.15 7.99
CA TYR A 39 0.40 -0.91 7.10
C TYR A 39 1.35 -1.80 7.90
N SER A 40 1.53 -1.46 9.18
CA SER A 40 2.40 -2.23 10.04
C SER A 40 1.92 -3.68 10.16
N ALA A 41 0.60 -3.85 10.29
CA ALA A 41 0.03 -5.18 10.41
C ALA A 41 0.28 -5.99 9.14
N LEU A 42 0.23 -5.32 8.00
CA LEU A 42 0.46 -5.98 6.72
C LEU A 42 1.88 -6.53 6.66
N ALA A 43 2.84 -5.74 7.13
CA ALA A 43 4.24 -6.15 7.12
C ALA A 43 4.45 -7.36 8.02
N LYS A 44 3.78 -7.37 9.16
CA LYS A 44 3.89 -8.48 10.09
C LYS A 44 3.37 -9.77 9.47
N LEU A 45 2.24 -9.67 8.77
CA LEU A 45 1.65 -10.83 8.13
C LEU A 45 1.59 -12.01 9.09
N SER A 46 1.74 -11.72 10.38
CA SER A 46 1.71 -12.76 11.40
C SER A 46 1.42 -12.16 12.77
N THR A 3 0.71 -18.16 -1.32
CA THR A 3 0.69 -17.23 -2.45
C THR A 3 0.23 -15.85 -2.00
N LYS A 4 -0.62 -15.82 -0.97
CA LYS A 4 -1.11 -14.55 -0.45
C LYS A 4 -1.84 -13.77 -1.55
N GLU A 5 -2.80 -14.43 -2.18
CA GLU A 5 -3.58 -13.79 -3.25
C GLU A 5 -4.42 -12.65 -2.69
N GLU A 6 -4.92 -12.84 -1.46
CA GLU A 6 -5.75 -11.83 -0.83
C GLU A 6 -4.94 -10.56 -0.56
N ALA A 7 -3.68 -10.74 -0.18
CA ALA A 7 -2.81 -9.60 0.10
C ALA A 7 -2.59 -8.77 -1.16
N LYS A 8 -2.49 -9.45 -2.30
CA LYS A 8 -2.26 -8.77 -3.57
C LYS A 8 -3.46 -7.87 -3.89
N GLN A 9 -4.66 -8.37 -3.65
CA GLN A 9 -5.87 -7.60 -3.93
C GLN A 9 -5.94 -6.37 -3.03
N ALA A 10 -5.53 -6.54 -1.77
CA ALA A 10 -5.55 -5.43 -0.82
C ALA A 10 -4.61 -4.32 -1.26
N PHE A 11 -3.48 -4.71 -1.85
CA PHE A 11 -2.49 -3.74 -2.31
C PHE A 11 -3.12 -2.80 -3.34
N LYS A 12 -3.84 -3.37 -4.30
CA LYS A 12 -4.49 -2.57 -5.33
C LYS A 12 -5.53 -1.64 -4.72
N GLU A 13 -6.29 -2.16 -3.76
CA GLU A 13 -7.32 -1.36 -3.10
C GLU A 13 -6.69 -0.24 -2.28
N LEU A 14 -5.56 -0.54 -1.66
CA LEU A 14 -4.86 0.45 -0.84
C LEU A 14 -4.42 1.63 -1.69
N LEU A 15 -3.92 1.35 -2.89
CA LEU A 15 -3.47 2.40 -3.80
C LEU A 15 -4.63 3.30 -4.19
N LYS A 16 -5.78 2.70 -4.48
CA LYS A 16 -6.95 3.46 -4.86
C LYS A 16 -7.41 4.37 -3.72
N GLU A 17 -7.41 3.82 -2.51
CA GLU A 17 -7.82 4.59 -1.34
C GLU A 17 -6.82 5.69 -1.04
N LYS A 18 -5.54 5.39 -1.21
CA LYS A 18 -4.49 6.37 -0.95
C LYS A 18 -4.23 7.22 -2.19
N ARG A 19 -3.85 8.47 -1.97
CA ARG A 19 -3.57 9.37 -3.08
C ARG A 19 -2.24 9.03 -3.74
N VAL A 20 -2.15 9.22 -5.05
CA VAL A 20 -0.93 8.93 -5.78
C VAL A 20 -0.62 10.05 -6.77
N PRO A 21 -0.18 11.18 -6.29
CA PRO A 21 0.16 12.35 -7.14
C PRO A 21 1.04 11.97 -8.32
N SER A 22 0.82 12.63 -9.46
CA SER A 22 1.58 12.35 -10.66
C SER A 22 3.07 12.60 -10.43
N ASN A 23 3.36 13.57 -9.57
CA ASN A 23 4.76 13.90 -9.27
C ASN A 23 5.45 12.72 -8.61
N ALA A 24 4.75 12.04 -7.71
CA ALA A 24 5.31 10.89 -7.02
C ALA A 24 5.47 9.72 -7.98
N SER A 25 6.55 8.95 -7.80
CA SER A 25 6.81 7.80 -8.65
C SER A 25 6.62 6.51 -7.89
N TRP A 26 7.28 5.45 -8.35
CA TRP A 26 7.17 4.15 -7.70
C TRP A 26 7.81 4.18 -6.31
N GLU A 27 8.98 4.81 -6.23
CA GLU A 27 9.68 4.91 -4.96
C GLU A 27 8.89 5.73 -3.96
N GLN A 28 8.36 6.86 -4.41
CA GLN A 28 7.58 7.73 -3.54
C GLN A 28 6.25 7.07 -3.19
N ALA A 29 5.63 6.42 -4.17
CA ALA A 29 4.35 5.75 -3.96
C ALA A 29 4.50 4.66 -2.91
N MET A 30 5.59 3.90 -2.98
CA MET A 30 5.82 2.83 -2.02
C MET A 30 6.02 3.39 -0.61
N LYS A 31 6.74 4.50 -0.52
CA LYS A 31 6.99 5.14 0.76
C LYS A 31 5.70 5.69 1.36
N MET A 32 4.82 6.17 0.49
CA MET A 32 3.56 6.76 0.94
C MET A 32 2.71 5.73 1.68
N ILE A 33 2.61 4.54 1.11
CA ILE A 33 1.83 3.48 1.73
C ILE A 33 2.53 2.93 2.97
N ILE A 34 3.85 3.01 2.99
CA ILE A 34 4.62 2.53 4.12
C ILE A 34 4.31 3.34 5.37
N ASN A 35 4.21 4.65 5.21
CA ASN A 35 3.93 5.53 6.35
C ASN A 35 2.59 5.15 6.97
N ASP A 36 1.60 4.88 6.14
CA ASP A 36 0.28 4.51 6.61
C ASP A 36 0.40 3.44 7.71
N PRO A 37 0.12 3.80 8.94
CA PRO A 37 0.19 2.85 10.09
C PRO A 37 -0.49 1.52 9.80
N ARG A 38 -1.58 1.58 9.02
CA ARG A 38 -2.32 0.38 8.68
C ARG A 38 -1.43 -0.59 7.89
N TYR A 39 -0.51 -0.04 7.10
CA TYR A 39 0.38 -0.86 6.29
C TYR A 39 1.22 -1.76 7.19
N SER A 40 1.72 -1.20 8.29
CA SER A 40 2.55 -1.97 9.22
C SER A 40 1.77 -3.16 9.76
N ALA A 41 0.51 -2.92 10.13
CA ALA A 41 -0.34 -3.99 10.66
C ALA A 41 -0.60 -5.04 9.59
N LEU A 42 -0.74 -4.59 8.35
CA LEU A 42 -0.99 -5.51 7.24
C LEU A 42 0.16 -6.49 7.07
N ALA A 43 1.38 -5.98 7.20
CA ALA A 43 2.57 -6.83 7.06
C ALA A 43 2.59 -7.91 8.15
N LYS A 44 2.16 -7.53 9.35
CA LYS A 44 2.13 -8.47 10.46
C LYS A 44 1.17 -9.62 10.17
N LEU A 45 0.02 -9.29 9.60
CA LEU A 45 -0.98 -10.30 9.28
C LEU A 45 -1.26 -11.19 10.49
N SER A 46 -2.39 -10.95 11.15
CA SER A 46 -2.75 -11.72 12.32
C SER A 46 -4.19 -11.43 12.74
N THR A 3 -5.52 -18.50 -3.60
CA THR A 3 -5.33 -18.60 -2.15
C THR A 3 -4.93 -17.24 -1.57
N LYS A 4 -3.76 -16.75 -1.95
CA LYS A 4 -3.28 -15.48 -1.46
C LYS A 4 -3.68 -14.34 -2.40
N GLU A 5 -4.67 -14.62 -3.25
CA GLU A 5 -5.14 -13.63 -4.21
C GLU A 5 -5.79 -12.45 -3.48
N GLU A 6 -6.48 -12.75 -2.38
CA GLU A 6 -7.14 -11.71 -1.60
C GLU A 6 -6.13 -10.72 -1.05
N ALA A 7 -5.00 -11.24 -0.56
CA ALA A 7 -3.95 -10.40 0.00
C ALA A 7 -3.37 -9.49 -1.07
N LYS A 8 -3.22 -10.02 -2.28
CA LYS A 8 -2.67 -9.25 -3.38
C LYS A 8 -3.59 -8.08 -3.74
N GLN A 9 -4.89 -8.34 -3.72
CA GLN A 9 -5.86 -7.30 -4.04
C GLN A 9 -5.83 -6.19 -2.99
N ALA A 10 -5.43 -6.54 -1.78
CA ALA A 10 -5.35 -5.56 -0.70
C ALA A 10 -4.46 -4.39 -1.09
N PHE A 11 -3.33 -4.70 -1.73
CA PHE A 11 -2.40 -3.66 -2.16
C PHE A 11 -3.05 -2.76 -3.20
N LYS A 12 -3.79 -3.36 -4.12
CA LYS A 12 -4.46 -2.60 -5.17
C LYS A 12 -5.48 -1.65 -4.57
N GLU A 13 -6.23 -2.12 -3.58
CA GLU A 13 -7.23 -1.28 -2.93
C GLU A 13 -6.59 -0.10 -2.23
N LEU A 14 -5.44 -0.34 -1.60
CA LEU A 14 -4.74 0.73 -0.90
C LEU A 14 -4.29 1.80 -1.87
N LEU A 15 -3.78 1.36 -3.02
CA LEU A 15 -3.31 2.31 -4.03
C LEU A 15 -4.46 3.17 -4.53
N LYS A 16 -5.60 2.55 -4.77
CA LYS A 16 -6.78 3.27 -5.25
C LYS A 16 -7.24 4.29 -4.21
N GLU A 17 -7.25 3.87 -2.95
CA GLU A 17 -7.69 4.75 -1.87
C GLU A 17 -6.72 5.91 -1.70
N LYS A 18 -5.43 5.64 -1.85
CA LYS A 18 -4.41 6.67 -1.71
C LYS A 18 -4.11 7.32 -3.07
N ARG A 19 -3.80 8.60 -3.04
CA ARG A 19 -3.49 9.33 -4.27
C ARG A 19 -2.06 9.04 -4.73
N VAL A 20 -1.88 8.95 -6.04
CA VAL A 20 -0.56 8.68 -6.59
C VAL A 20 -0.29 9.58 -7.80
N PRO A 21 -0.10 10.85 -7.57
CA PRO A 21 0.17 11.83 -8.66
C PRO A 21 1.27 11.35 -9.61
N SER A 22 1.06 11.60 -10.89
CA SER A 22 2.02 11.19 -11.90
C SER A 22 3.36 11.89 -11.69
N ASN A 23 3.29 13.12 -11.19
CA ASN A 23 4.51 13.89 -10.93
C ASN A 23 5.38 13.20 -9.89
N ALA A 24 4.74 12.64 -8.87
CA ALA A 24 5.47 11.94 -7.81
C ALA A 24 6.29 10.79 -8.40
N SER A 25 6.48 9.73 -7.61
CA SER A 25 7.23 8.58 -8.06
C SER A 25 6.85 7.35 -7.24
N TRP A 26 7.17 6.19 -7.78
CA TRP A 26 6.87 4.93 -7.11
C TRP A 26 7.55 4.88 -5.74
N GLU A 27 8.77 5.38 -5.68
CA GLU A 27 9.52 5.38 -4.42
C GLU A 27 8.77 6.20 -3.36
N GLN A 28 8.28 7.36 -3.76
CA GLN A 28 7.55 8.23 -2.84
C GLN A 28 6.22 7.59 -2.44
N ALA A 29 5.55 6.97 -3.41
CA ALA A 29 4.28 6.32 -3.16
C ALA A 29 4.44 5.17 -2.18
N MET A 30 5.54 4.44 -2.31
CA MET A 30 5.81 3.32 -1.42
C MET A 30 6.00 3.80 0.01
N LYS A 31 6.69 4.92 0.16
CA LYS A 31 6.92 5.48 1.48
C LYS A 31 5.62 5.97 2.12
N MET A 32 4.70 6.46 1.28
CA MET A 32 3.42 6.95 1.77
C MET A 32 2.62 5.86 2.46
N ILE A 33 2.57 4.69 1.84
CA ILE A 33 1.83 3.57 2.42
C ILE A 33 2.57 2.99 3.62
N ILE A 34 3.89 3.15 3.64
CA ILE A 34 4.70 2.64 4.74
C ILE A 34 4.35 3.35 6.04
N ASN A 35 4.16 4.66 5.97
CA ASN A 35 3.82 5.44 7.14
C ASN A 35 2.52 4.96 7.73
N ASP A 36 1.55 4.67 6.86
CA ASP A 36 0.24 4.21 7.30
C ASP A 36 0.41 3.10 8.36
N PRO A 37 0.11 3.36 9.62
CA PRO A 37 0.24 2.34 10.70
C PRO A 37 -0.37 0.99 10.31
N ARG A 38 -1.45 1.03 9.55
CA ARG A 38 -2.11 -0.20 9.13
C ARG A 38 -1.18 -1.04 8.26
N TYR A 39 -0.34 -0.37 7.48
CA TYR A 39 0.59 -1.07 6.60
C TYR A 39 1.54 -1.95 7.41
N SER A 40 2.06 -1.40 8.50
CA SER A 40 2.98 -2.15 9.36
C SER A 40 2.31 -3.43 9.87
N ALA A 41 1.06 -3.30 10.29
CA ALA A 41 0.32 -4.44 10.80
C ALA A 41 0.10 -5.48 9.69
N LEU A 42 -0.14 -4.99 8.49
CA LEU A 42 -0.37 -5.87 7.35
C LEU A 42 0.86 -6.74 7.08
N ALA A 43 2.04 -6.13 7.15
CA ALA A 43 3.27 -6.87 6.92
C ALA A 43 3.47 -7.93 8.00
N LYS A 44 3.15 -7.58 9.23
CA LYS A 44 3.30 -8.52 10.34
C LYS A 44 2.38 -9.72 10.16
N LEU A 45 1.15 -9.46 9.73
CA LEU A 45 0.19 -10.53 9.51
C LEU A 45 0.27 -11.55 10.65
N SER A 46 -0.30 -12.73 10.41
CA SER A 46 -0.29 -13.79 11.42
C SER A 46 -0.57 -13.21 12.80
N THR A 3 0.03 -18.56 -2.51
CA THR A 3 0.44 -17.17 -2.31
C THR A 3 -0.60 -16.41 -1.52
N LYS A 4 -0.37 -15.12 -1.33
CA LYS A 4 -1.30 -14.28 -0.57
C LYS A 4 -2.20 -13.50 -1.53
N GLU A 5 -3.27 -14.12 -1.99
CA GLU A 5 -4.19 -13.46 -2.90
C GLU A 5 -4.90 -12.31 -2.21
N GLU A 6 -5.21 -12.49 -0.93
CA GLU A 6 -5.90 -11.46 -0.17
C GLU A 6 -5.01 -10.22 -0.02
N ALA A 7 -3.71 -10.46 0.19
CA ALA A 7 -2.77 -9.36 0.36
C ALA A 7 -2.68 -8.53 -0.93
N LYS A 8 -2.73 -9.21 -2.07
CA LYS A 8 -2.67 -8.52 -3.36
C LYS A 8 -3.87 -7.61 -3.54
N GLN A 9 -5.04 -8.08 -3.14
CA GLN A 9 -6.26 -7.29 -3.27
C GLN A 9 -6.19 -6.05 -2.40
N ALA A 10 -5.63 -6.20 -1.20
CA ALA A 10 -5.50 -5.08 -0.27
C ALA A 10 -4.59 -4.00 -0.86
N PHE A 11 -3.53 -4.44 -1.54
CA PHE A 11 -2.59 -3.50 -2.15
C PHE A 11 -3.30 -2.63 -3.18
N LYS A 12 -4.12 -3.26 -4.03
CA LYS A 12 -4.84 -2.53 -5.06
C LYS A 12 -5.82 -1.54 -4.42
N GLU A 13 -6.49 -1.97 -3.36
CA GLU A 13 -7.45 -1.13 -2.67
C GLU A 13 -6.75 0.07 -2.04
N LEU A 14 -5.55 -0.17 -1.52
CA LEU A 14 -4.79 0.91 -0.88
C LEU A 14 -4.47 2.00 -1.89
N LEU A 15 -4.08 1.60 -3.09
CA LEU A 15 -3.73 2.55 -4.14
C LEU A 15 -4.95 3.39 -4.51
N LYS A 16 -6.10 2.74 -4.61
CA LYS A 16 -7.33 3.43 -4.95
C LYS A 16 -7.69 4.47 -3.90
N GLU A 17 -7.48 4.10 -2.64
CA GLU A 17 -7.79 5.01 -1.53
C GLU A 17 -6.94 6.27 -1.62
N LYS A 18 -5.69 6.12 -2.03
CA LYS A 18 -4.79 7.26 -2.16
C LYS A 18 -4.75 7.75 -3.60
N ARG A 19 -4.59 9.06 -3.77
CA ARG A 19 -4.54 9.64 -5.10
C ARG A 19 -3.31 9.14 -5.87
N VAL A 20 -2.20 9.03 -5.17
CA VAL A 20 -0.96 8.56 -5.79
C VAL A 20 -0.80 9.15 -7.18
N PRO A 21 -0.53 10.42 -7.26
CA PRO A 21 -0.36 11.14 -8.56
C PRO A 21 0.58 10.39 -9.50
N SER A 22 0.21 10.35 -10.78
CA SER A 22 1.02 9.66 -11.78
C SER A 22 2.24 10.49 -12.14
N ASN A 23 3.22 9.84 -12.75
CA ASN A 23 4.45 10.53 -13.14
C ASN A 23 5.10 11.21 -11.95
N ALA A 24 4.97 10.59 -10.78
CA ALA A 24 5.54 11.15 -9.55
C ALA A 24 6.84 10.44 -9.20
N SER A 25 6.74 9.45 -8.31
CA SER A 25 7.91 8.70 -7.89
C SER A 25 7.50 7.45 -7.12
N TRP A 26 7.95 6.29 -7.60
CA TRP A 26 7.63 5.03 -6.95
C TRP A 26 8.19 5.00 -5.53
N GLU A 27 9.38 5.55 -5.36
CA GLU A 27 10.02 5.58 -4.05
C GLU A 27 9.16 6.31 -3.04
N GLN A 28 8.63 7.46 -3.45
CA GLN A 28 7.78 8.26 -2.58
C GLN A 28 6.46 7.53 -2.31
N ALA A 29 5.91 6.92 -3.35
CA ALA A 29 4.65 6.20 -3.22
C ALA A 29 4.79 5.04 -2.25
N MET A 30 5.92 4.36 -2.31
CA MET A 30 6.19 3.23 -1.42
C MET A 30 6.24 3.69 0.04
N LYS A 31 6.85 4.84 0.26
CA LYS A 31 6.96 5.38 1.61
C LYS A 31 5.59 5.80 2.14
N MET A 32 4.73 6.28 1.25
CA MET A 32 3.41 6.73 1.64
C MET A 32 2.58 5.59 2.22
N ILE A 33 2.63 4.44 1.57
CA ILE A 33 1.89 3.27 2.04
C ILE A 33 2.53 2.68 3.29
N ILE A 34 3.84 2.87 3.41
CA ILE A 34 4.57 2.34 4.56
C ILE A 34 4.10 3.01 5.85
N ASN A 35 3.91 4.32 5.79
CA ASN A 35 3.45 5.07 6.96
C ASN A 35 2.08 4.58 7.40
N ASP A 36 1.22 4.32 6.43
CA ASP A 36 -0.12 3.86 6.71
C ASP A 36 -0.10 2.70 7.72
N PRO A 37 -0.86 2.78 8.78
CA PRO A 37 -0.92 1.72 9.81
C PRO A 37 -1.09 0.33 9.19
N ARG A 38 -1.73 0.27 8.03
CA ARG A 38 -1.96 -0.99 7.35
C ARG A 38 -0.63 -1.69 7.06
N TYR A 39 0.42 -0.90 6.83
CA TYR A 39 1.73 -1.45 6.54
C TYR A 39 2.20 -2.34 7.69
N SER A 40 2.05 -1.83 8.92
CA SER A 40 2.47 -2.60 10.09
C SER A 40 1.71 -3.92 10.17
N ALA A 41 0.41 -3.86 9.90
CA ALA A 41 -0.43 -5.06 9.94
C ALA A 41 -0.01 -6.04 8.86
N LEU A 42 0.38 -5.51 7.70
CA LEU A 42 0.80 -6.34 6.59
C LEU A 42 2.03 -7.16 6.96
N ALA A 43 2.97 -6.51 7.66
CA ALA A 43 4.19 -7.19 8.07
C ALA A 43 3.88 -8.33 9.04
N LYS A 44 2.92 -8.09 9.92
CA LYS A 44 2.53 -9.10 10.91
C LYS A 44 1.50 -10.06 10.31
N LEU A 45 0.95 -9.68 9.16
CA LEU A 45 -0.05 -10.51 8.49
C LEU A 45 -1.08 -11.02 9.50
N SER A 46 -1.13 -10.38 10.66
CA SER A 46 -2.08 -10.77 11.70
C SER A 46 -2.51 -9.56 12.51
#